data_7W8R
#
_entry.id   7W8R
#
_entity_poly.entity_id   1
_entity_poly.type   'polypeptide(L)'
_entity_poly.pdbx_seq_one_letter_code
;GCPPCESCHSGESTFWCYWEALCPPC
;
_entity_poly.pdbx_strand_id   A
#
# COMPACT_ATOMS: atom_id res chain seq x y z
N GLY A 1 -15.24 2.72 2.57
CA GLY A 1 -15.63 1.33 2.91
C GLY A 1 -14.49 0.34 2.79
N CYS A 2 -13.74 0.46 1.69
CA CYS A 2 -12.60 -0.42 1.48
C CYS A 2 -11.40 0.07 2.29
N PRO A 3 -10.65 -0.86 2.89
CA PRO A 3 -9.48 -0.52 3.73
C PRO A 3 -8.44 0.28 2.96
N PRO A 4 -7.84 1.28 3.61
CA PRO A 4 -6.82 2.15 3.00
C PRO A 4 -5.66 1.36 2.40
N CYS A 5 -5.25 1.77 1.21
CA CYS A 5 -4.18 1.10 0.50
C CYS A 5 -2.83 1.52 1.05
N GLU A 6 -1.78 0.80 0.67
CA GLU A 6 -0.43 1.11 1.11
C GLU A 6 0.10 2.31 0.33
N SER A 7 -0.09 3.48 0.89
CA SER A 7 0.39 4.70 0.28
C SER A 7 1.89 4.84 0.51
N CYS A 8 2.66 4.72 -0.56
CA CYS A 8 4.11 4.80 -0.46
C CYS A 8 4.60 6.23 -0.50
N HIS A 9 5.79 6.44 0.02
CA HIS A 9 6.41 7.75 0.05
C HIS A 9 7.92 7.57 -0.10
N SER A 10 8.71 8.50 0.41
CA SER A 10 10.15 8.40 0.38
C SER A 10 10.62 7.10 1.05
N GLY A 11 10.03 6.81 2.20
CA GLY A 11 10.34 5.61 2.92
C GLY A 11 9.09 4.88 3.37
N GLU A 12 9.09 4.43 4.62
CA GLU A 12 7.96 3.76 5.22
C GLU A 12 7.57 2.51 4.43
N SER A 13 6.29 2.18 4.47
CA SER A 13 5.76 1.02 3.78
C SER A 13 5.69 1.28 2.27
N THR A 14 6.85 1.50 1.67
CA THR A 14 6.91 1.80 0.25
C THR A 14 7.03 0.52 -0.58
N PHE A 15 7.68 -0.48 0.00
CA PHE A 15 7.87 -1.77 -0.67
C PHE A 15 6.53 -2.40 -0.97
N TRP A 16 5.65 -2.32 0.00
CA TRP A 16 4.35 -2.94 -0.08
C TRP A 16 3.44 -2.18 -1.05
N CYS A 17 3.87 -1.00 -1.42
CA CYS A 17 3.15 -0.16 -2.37
C CYS A 17 3.47 -0.60 -3.80
N TYR A 18 4.69 -1.05 -4.02
CA TYR A 18 5.11 -1.49 -5.33
C TYR A 18 4.60 -2.89 -5.61
N TRP A 19 4.52 -3.71 -4.57
CA TRP A 19 4.03 -5.06 -4.72
C TRP A 19 2.51 -5.10 -4.61
N GLU A 20 1.95 -4.07 -3.95
CA GLU A 20 0.52 -4.01 -3.65
C GLU A 20 0.09 -5.24 -2.85
N ALA A 21 1.05 -5.83 -2.14
CA ALA A 21 0.85 -7.07 -1.42
C ALA A 21 -0.13 -6.90 -0.26
N LEU A 22 0.12 -5.90 0.56
CA LEU A 22 -0.72 -5.66 1.72
C LEU A 22 -1.96 -4.89 1.33
N CYS A 23 -1.84 -4.08 0.29
CA CYS A 23 -2.96 -3.28 -0.22
C CYS A 23 -4.11 -4.17 -0.68
N PRO A 24 -5.27 -4.05 -0.02
CA PRO A 24 -6.47 -4.79 -0.41
C PRO A 24 -7.24 -4.08 -1.52
N PRO A 25 -7.81 -4.85 -2.46
CA PRO A 25 -8.56 -4.30 -3.59
C PRO A 25 -9.86 -3.65 -3.14
N CYS A 26 -10.09 -2.43 -3.60
CA CYS A 26 -11.29 -1.70 -3.24
C CYS A 26 -12.44 -2.09 -4.17
N GLY A 1 -16.12 -2.40 1.14
CA GLY A 1 -15.27 -1.70 0.14
C GLY A 1 -13.80 -2.00 0.33
N CYS A 2 -12.97 -1.44 -0.52
CA CYS A 2 -11.53 -1.65 -0.45
C CYS A 2 -10.92 -0.76 0.63
N PRO A 3 -9.98 -1.31 1.42
CA PRO A 3 -9.27 -0.55 2.44
C PRO A 3 -8.05 0.18 1.86
N PRO A 4 -7.80 1.42 2.33
CA PRO A 4 -6.62 2.17 1.90
C PRO A 4 -5.33 1.41 2.18
N CYS A 5 -4.51 1.26 1.16
CA CYS A 5 -3.31 0.45 1.28
C CYS A 5 -2.12 1.32 1.69
N GLU A 6 -0.98 0.67 1.91
CA GLU A 6 0.23 1.32 2.36
C GLU A 6 0.71 2.31 1.31
N SER A 7 0.70 3.56 1.68
CA SER A 7 1.20 4.63 0.83
C SER A 7 2.73 4.66 0.88
N CYS A 8 3.33 5.12 -0.21
CA CYS A 8 4.77 5.16 -0.32
C CYS A 8 5.30 6.59 -0.37
N HIS A 9 6.47 6.79 0.22
CA HIS A 9 7.12 8.09 0.25
C HIS A 9 8.59 7.91 -0.12
N SER A 10 9.45 8.82 0.33
CA SER A 10 10.88 8.66 0.11
C SER A 10 11.34 7.33 0.71
N GLY A 11 10.89 7.06 1.92
CA GLY A 11 11.11 5.79 2.56
C GLY A 11 9.80 5.10 2.86
N GLU A 12 9.68 4.58 4.08
CA GLU A 12 8.45 3.98 4.56
C GLU A 12 8.10 2.72 3.75
N SER A 13 6.81 2.40 3.73
CA SER A 13 6.32 1.23 3.03
C SER A 13 6.34 1.45 1.51
N THR A 14 7.53 1.35 0.94
CA THR A 14 7.71 1.59 -0.48
C THR A 14 7.24 0.38 -1.31
N PHE A 15 7.71 -0.80 -0.95
CA PHE A 15 7.40 -2.01 -1.69
C PHE A 15 5.94 -2.37 -1.55
N TRP A 16 5.43 -2.24 -0.34
CA TRP A 16 4.04 -2.58 -0.06
C TRP A 16 3.10 -1.66 -0.82
N CYS A 17 3.57 -0.45 -1.10
CA CYS A 17 2.81 0.53 -1.85
C CYS A 17 2.65 0.08 -3.30
N TYR A 18 3.70 -0.51 -3.85
CA TYR A 18 3.70 -0.94 -5.24
C TYR A 18 2.93 -2.25 -5.40
N TRP A 19 3.15 -3.19 -4.49
CA TRP A 19 2.50 -4.49 -4.58
C TRP A 19 1.04 -4.43 -4.16
N GLU A 20 0.74 -3.57 -3.18
CA GLU A 20 -0.57 -3.58 -2.54
C GLU A 20 -0.93 -5.02 -2.16
N ALA A 21 0.04 -5.71 -1.60
CA ALA A 21 -0.07 -7.14 -1.30
C ALA A 21 -0.63 -7.36 0.09
N LEU A 22 -0.22 -6.54 1.04
CA LEU A 22 -0.70 -6.64 2.42
C LEU A 22 -2.16 -6.21 2.48
N CYS A 23 -2.39 -4.95 2.15
CA CYS A 23 -3.71 -4.39 2.09
C CYS A 23 -4.35 -4.66 0.74
N PRO A 24 -5.57 -5.19 0.72
CA PRO A 24 -6.31 -5.41 -0.52
C PRO A 24 -6.54 -4.10 -1.28
N PRO A 25 -6.21 -4.07 -2.57
CA PRO A 25 -6.34 -2.86 -3.38
C PRO A 25 -7.76 -2.61 -3.86
N CYS A 26 -7.95 -1.51 -4.57
CA CYS A 26 -9.25 -1.13 -5.09
C CYS A 26 -9.35 -1.50 -6.57
N GLY A 1 -16.21 2.14 2.65
CA GLY A 1 -15.61 2.16 1.31
C GLY A 1 -14.49 1.15 1.17
N CYS A 2 -13.43 1.54 0.47
CA CYS A 2 -12.29 0.67 0.28
C CYS A 2 -11.29 0.85 1.42
N PRO A 3 -10.76 -0.26 1.96
CA PRO A 3 -9.76 -0.21 3.03
C PRO A 3 -8.49 0.51 2.57
N PRO A 4 -7.86 1.29 3.47
CA PRO A 4 -6.69 2.11 3.14
C PRO A 4 -5.56 1.29 2.52
N CYS A 5 -5.07 1.75 1.39
CA CYS A 5 -3.98 1.08 0.70
C CYS A 5 -2.65 1.66 1.18
N GLU A 6 -1.64 0.79 1.27
CA GLU A 6 -0.33 1.20 1.75
C GLU A 6 0.29 2.20 0.78
N SER A 7 0.19 3.46 1.14
CA SER A 7 0.68 4.54 0.31
C SER A 7 2.19 4.70 0.45
N CYS A 8 2.90 4.58 -0.65
CA CYS A 8 4.36 4.69 -0.63
C CYS A 8 4.79 6.13 -0.41
N HIS A 9 5.83 6.29 0.39
CA HIS A 9 6.39 7.60 0.70
C HIS A 9 7.90 7.52 0.58
N SER A 10 8.61 8.52 1.12
CA SER A 10 10.07 8.48 1.15
C SER A 10 10.54 7.24 1.90
N GLY A 11 9.81 6.90 2.95
CA GLY A 11 10.05 5.67 3.68
C GLY A 11 8.78 4.85 3.77
N GLU A 12 8.51 4.31 4.96
CA GLU A 12 7.27 3.60 5.22
C GLU A 12 7.14 2.38 4.32
N SER A 13 5.93 1.89 4.15
CA SER A 13 5.67 0.74 3.28
C SER A 13 5.74 1.15 1.81
N THR A 14 6.96 1.27 1.30
CA THR A 14 7.18 1.69 -0.07
C THR A 14 7.14 0.48 -1.02
N PHE A 15 7.82 -0.59 -0.65
CA PHE A 15 7.86 -1.80 -1.45
C PHE A 15 6.47 -2.39 -1.57
N TRP A 16 5.75 -2.35 -0.46
CA TRP A 16 4.43 -2.93 -0.38
C TRP A 16 3.42 -2.10 -1.16
N CYS A 17 3.83 -0.88 -1.50
CA CYS A 17 2.99 0.01 -2.31
C CYS A 17 3.03 -0.42 -3.77
N TYR A 18 4.21 -0.83 -4.22
CA TYR A 18 4.38 -1.26 -5.60
C TYR A 18 3.86 -2.68 -5.81
N TRP A 19 4.18 -3.55 -4.86
CA TRP A 19 3.73 -4.93 -4.93
C TRP A 19 2.22 -5.02 -4.68
N GLU A 20 1.72 -4.05 -3.92
CA GLU A 20 0.33 -4.02 -3.48
C GLU A 20 -0.02 -5.28 -2.70
N ALA A 21 1.01 -5.91 -2.15
CA ALA A 21 0.87 -7.14 -1.39
C ALA A 21 0.05 -6.90 -0.14
N LEU A 22 0.46 -5.93 0.66
CA LEU A 22 -0.25 -5.59 1.88
C LEU A 22 -1.50 -4.79 1.58
N CYS A 23 -1.47 -4.08 0.47
CA CYS A 23 -2.61 -3.30 0.01
C CYS A 23 -3.80 -4.23 -0.24
N PRO A 24 -4.89 -4.03 0.53
CA PRO A 24 -6.07 -4.89 0.44
C PRO A 24 -6.93 -4.57 -0.80
N PRO A 25 -7.43 -5.61 -1.47
CA PRO A 25 -8.30 -5.45 -2.64
C PRO A 25 -9.70 -4.98 -2.25
N CYS A 26 -10.23 -4.04 -3.03
CA CYS A 26 -11.55 -3.52 -2.76
C CYS A 26 -12.57 -4.19 -3.67
N GLY A 1 -16.72 -0.07 1.90
CA GLY A 1 -15.64 0.91 2.16
C GLY A 1 -14.27 0.35 1.85
N CYS A 2 -13.57 0.99 0.93
CA CYS A 2 -12.23 0.56 0.56
C CYS A 2 -11.23 0.88 1.67
N PRO A 3 -10.36 -0.08 1.99
CA PRO A 3 -9.35 0.11 3.03
C PRO A 3 -8.15 0.92 2.52
N PRO A 4 -7.44 1.61 3.43
CA PRO A 4 -6.27 2.41 3.07
C PRO A 4 -5.17 1.53 2.48
N CYS A 5 -4.66 1.93 1.34
CA CYS A 5 -3.66 1.15 0.63
C CYS A 5 -2.26 1.52 1.12
N GLU A 6 -1.35 0.57 1.04
CA GLU A 6 0.04 0.80 1.39
C GLU A 6 0.63 1.79 0.41
N SER A 7 0.77 3.00 0.86
CA SER A 7 1.21 4.09 0.02
C SER A 7 2.73 4.24 0.09
N CYS A 8 3.34 4.45 -1.06
CA CYS A 8 4.78 4.61 -1.12
C CYS A 8 5.16 6.08 -1.00
N HIS A 9 5.96 6.36 -0.01
CA HIS A 9 6.38 7.71 0.30
C HIS A 9 7.86 7.71 0.68
N SER A 10 8.31 8.78 1.33
CA SER A 10 9.66 8.81 1.87
C SER A 10 9.79 7.72 2.94
N GLY A 11 8.69 7.51 3.66
CA GLY A 11 8.61 6.41 4.59
C GLY A 11 7.48 5.47 4.23
N GLU A 12 6.75 5.01 5.25
CA GLU A 12 5.61 4.12 5.06
C GLU A 12 6.02 2.83 4.33
N SER A 13 5.03 2.14 3.79
CA SER A 13 5.25 0.89 3.09
C SER A 13 5.63 1.15 1.63
N THR A 14 6.90 1.46 1.40
CA THR A 14 7.37 1.77 0.06
C THR A 14 7.30 0.55 -0.85
N PHE A 15 7.74 -0.60 -0.35
CA PHE A 15 7.78 -1.82 -1.14
C PHE A 15 6.38 -2.37 -1.37
N TRP A 16 5.60 -2.39 -0.31
CA TRP A 16 4.27 -2.96 -0.36
C TRP A 16 3.34 -2.10 -1.22
N CYS A 17 3.81 -0.89 -1.53
CA CYS A 17 3.09 -0.02 -2.44
C CYS A 17 3.22 -0.51 -3.88
N TYR A 18 4.42 -0.97 -4.21
CA TYR A 18 4.71 -1.43 -5.56
C TYR A 18 4.00 -2.76 -5.82
N TRP A 19 4.16 -3.70 -4.89
CA TRP A 19 3.61 -5.03 -5.05
C TRP A 19 2.12 -5.05 -4.80
N GLU A 20 1.65 -4.09 -3.98
CA GLU A 20 0.27 -4.02 -3.53
C GLU A 20 -0.11 -5.30 -2.78
N ALA A 21 0.91 -5.98 -2.25
CA ALA A 21 0.73 -7.28 -1.61
C ALA A 21 -0.09 -7.15 -0.33
N LEU A 22 0.31 -6.24 0.55
CA LEU A 22 -0.41 -6.05 1.80
C LEU A 22 -1.64 -5.20 1.58
N CYS A 23 -1.57 -4.35 0.57
CA CYS A 23 -2.68 -3.48 0.19
C CYS A 23 -3.93 -4.29 -0.15
N PRO A 24 -4.99 -4.19 0.68
CA PRO A 24 -6.25 -4.90 0.46
C PRO A 24 -7.12 -4.16 -0.56
N PRO A 25 -7.69 -4.90 -1.53
CA PRO A 25 -8.54 -4.32 -2.57
C PRO A 25 -9.94 -3.99 -2.07
N CYS A 26 -10.74 -3.39 -2.94
CA CYS A 26 -12.12 -3.05 -2.62
C CYS A 26 -13.01 -4.27 -2.81
N GLY A 1 -16.31 -0.77 2.34
CA GLY A 1 -15.38 0.19 1.69
C GLY A 1 -14.03 -0.42 1.42
N CYS A 2 -13.19 0.29 0.69
CA CYS A 2 -11.87 -0.20 0.35
C CYS A 2 -10.88 0.10 1.48
N PRO A 3 -10.17 -0.93 1.95
CA PRO A 3 -9.18 -0.78 3.03
C PRO A 3 -8.04 0.16 2.63
N PRO A 4 -7.56 1.00 3.56
CA PRO A 4 -6.45 1.91 3.31
C PRO A 4 -5.18 1.17 2.89
N CYS A 5 -4.62 1.58 1.77
CA CYS A 5 -3.43 0.92 1.23
C CYS A 5 -2.15 1.57 1.73
N GLU A 6 -1.03 0.94 1.38
CA GLU A 6 0.28 1.42 1.79
C GLU A 6 0.81 2.41 0.76
N SER A 7 0.71 3.68 1.09
CA SER A 7 1.18 4.73 0.20
C SER A 7 2.69 4.90 0.35
N CYS A 8 3.39 4.85 -0.77
CA CYS A 8 4.82 5.03 -0.77
C CYS A 8 5.20 6.50 -0.85
N HIS A 9 6.19 6.87 -0.07
CA HIS A 9 6.72 8.22 -0.07
C HIS A 9 8.24 8.13 -0.02
N SER A 10 8.91 9.16 0.50
CA SER A 10 10.35 9.09 0.66
C SER A 10 10.72 7.92 1.57
N GLY A 11 9.82 7.62 2.51
CA GLY A 11 10.01 6.48 3.38
C GLY A 11 8.76 5.64 3.48
N GLU A 12 8.45 5.17 4.69
CA GLU A 12 7.29 4.34 4.96
C GLU A 12 7.29 3.07 4.12
N SER A 13 6.11 2.53 3.90
CA SER A 13 5.94 1.29 3.16
C SER A 13 6.18 1.51 1.66
N THR A 14 7.44 1.53 1.27
CA THR A 14 7.81 1.71 -0.12
C THR A 14 7.59 0.43 -0.92
N PHE A 15 8.07 -0.68 -0.39
CA PHE A 15 8.00 -1.97 -1.08
C PHE A 15 6.56 -2.42 -1.20
N TRP A 16 5.83 -2.29 -0.11
CA TRP A 16 4.45 -2.73 -0.06
C TRP A 16 3.56 -1.87 -0.96
N CYS A 17 4.06 -0.70 -1.32
CA CYS A 17 3.35 0.19 -2.21
C CYS A 17 3.41 -0.32 -3.63
N TYR A 18 4.47 -1.05 -3.96
CA TYR A 18 4.65 -1.59 -5.30
C TYR A 18 3.78 -2.82 -5.48
N TRP A 19 3.85 -3.77 -4.55
CA TRP A 19 3.09 -5.01 -4.69
C TRP A 19 1.62 -4.81 -4.38
N GLU A 20 1.35 -3.91 -3.44
CA GLU A 20 -0.01 -3.69 -2.92
C GLU A 20 -0.62 -4.99 -2.42
N ALA A 21 0.24 -5.96 -2.08
CA ALA A 21 -0.20 -7.30 -1.73
C ALA A 21 -0.82 -7.35 -0.34
N LEU A 22 -0.53 -6.35 0.48
CA LEU A 22 -1.09 -6.29 1.83
C LEU A 22 -2.49 -5.68 1.79
N CYS A 23 -2.66 -4.70 0.93
CA CYS A 23 -3.92 -3.96 0.85
C CYS A 23 -4.86 -4.60 -0.16
N PRO A 24 -6.05 -5.02 0.27
CA PRO A 24 -7.07 -5.57 -0.63
C PRO A 24 -7.60 -4.51 -1.59
N PRO A 25 -7.65 -4.81 -2.88
CA PRO A 25 -8.15 -3.89 -3.90
C PRO A 25 -9.67 -3.84 -3.93
N CYS A 26 -10.21 -2.85 -4.63
CA CYS A 26 -11.65 -2.66 -4.71
C CYS A 26 -12.24 -3.60 -5.76
N GLY A 1 -17.41 0.88 1.28
CA GLY A 1 -16.40 1.60 0.50
C GLY A 1 -15.17 0.76 0.27
N CYS A 2 -14.10 1.39 -0.20
CA CYS A 2 -12.85 0.69 -0.44
C CYS A 2 -11.97 0.73 0.80
N PRO A 3 -11.25 -0.37 1.08
CA PRO A 3 -10.35 -0.47 2.23
C PRO A 3 -9.10 0.40 2.04
N PRO A 4 -8.55 0.92 3.15
CA PRO A 4 -7.38 1.80 3.11
C PRO A 4 -6.15 1.09 2.56
N CYS A 5 -5.51 1.69 1.58
CA CYS A 5 -4.34 1.10 0.96
C CYS A 5 -3.07 1.60 1.66
N GLU A 6 -1.94 1.05 1.25
CA GLU A 6 -0.66 1.41 1.82
C GLU A 6 -0.22 2.77 1.29
N SER A 7 -0.06 3.69 2.20
CA SER A 7 0.39 5.03 1.86
C SER A 7 1.92 5.06 1.78
N CYS A 8 2.45 4.74 0.61
CA CYS A 8 3.89 4.71 0.42
C CYS A 8 4.40 6.08 -0.01
N HIS A 9 5.62 6.41 0.38
CA HIS A 9 6.19 7.71 0.12
C HIS A 9 7.63 7.57 -0.38
N SER A 10 8.39 8.66 -0.33
CA SER A 10 9.80 8.62 -0.66
C SER A 10 10.61 8.34 0.61
N GLY A 11 9.89 7.94 1.65
CA GLY A 11 10.51 7.60 2.91
C GLY A 11 11.08 6.21 2.91
N GLU A 12 10.80 5.44 3.96
CA GLU A 12 11.25 4.06 4.06
C GLU A 12 10.85 3.25 2.83
N SER A 13 11.53 2.13 2.65
CA SER A 13 11.35 1.29 1.48
C SER A 13 10.06 0.49 1.55
N THR A 14 8.96 1.13 1.23
CA THR A 14 7.66 0.51 1.25
C THR A 14 7.36 -0.24 -0.04
N PHE A 15 8.10 -1.31 -0.26
CA PHE A 15 7.98 -2.11 -1.47
C PHE A 15 6.57 -2.66 -1.60
N TRP A 16 6.01 -3.00 -0.46
CA TRP A 16 4.73 -3.68 -0.38
C TRP A 16 3.63 -2.87 -1.03
N CYS A 17 3.70 -1.55 -0.86
CA CYS A 17 2.73 -0.64 -1.45
C CYS A 17 2.73 -0.74 -2.97
N TYR A 18 3.92 -0.81 -3.54
CA TYR A 18 4.08 -0.80 -4.99
C TYR A 18 3.73 -2.17 -5.57
N TRP A 19 3.73 -3.17 -4.71
CA TRP A 19 3.29 -4.51 -5.10
C TRP A 19 1.80 -4.66 -4.86
N GLU A 20 1.27 -3.78 -4.00
CA GLU A 20 -0.07 -3.91 -3.45
C GLU A 20 -0.23 -5.28 -2.80
N ALA A 21 0.84 -5.70 -2.13
CA ALA A 21 0.89 -7.03 -1.54
C ALA A 21 0.14 -7.07 -0.22
N LEU A 22 0.36 -6.06 0.59
CA LEU A 22 -0.31 -5.96 1.88
C LEU A 22 -1.57 -5.12 1.75
N CYS A 23 -1.54 -4.18 0.81
CA CYS A 23 -2.70 -3.39 0.46
C CYS A 23 -3.83 -4.27 -0.06
N PRO A 24 -4.99 -4.22 0.62
CA PRO A 24 -6.18 -4.94 0.18
C PRO A 24 -6.90 -4.22 -0.96
N PRO A 25 -7.31 -4.96 -2.01
CA PRO A 25 -8.03 -4.38 -3.14
C PRO A 25 -9.48 -4.06 -2.79
N CYS A 26 -10.05 -3.10 -3.49
CA CYS A 26 -11.43 -2.70 -3.24
C CYS A 26 -12.39 -3.75 -3.79
N GLY A 1 -14.99 3.08 3.35
CA GLY A 1 -15.42 1.74 2.90
C GLY A 1 -14.27 0.75 2.91
N CYS A 2 -13.55 0.65 1.81
CA CYS A 2 -12.42 -0.25 1.72
C CYS A 2 -11.19 0.36 2.39
N PRO A 3 -10.38 -0.46 3.07
CA PRO A 3 -9.16 0.00 3.74
C PRO A 3 -8.19 0.71 2.79
N PRO A 4 -7.55 1.79 3.26
CA PRO A 4 -6.62 2.57 2.46
C PRO A 4 -5.47 1.74 1.94
N CYS A 5 -5.17 1.87 0.65
CA CYS A 5 -4.11 1.10 0.04
C CYS A 5 -2.75 1.62 0.50
N GLU A 6 -1.73 0.78 0.38
CA GLU A 6 -0.41 1.07 0.88
C GLU A 6 0.28 2.14 0.04
N SER A 7 0.16 3.38 0.47
CA SER A 7 0.79 4.49 -0.20
C SER A 7 2.27 4.57 0.15
N CYS A 8 3.10 4.81 -0.85
CA CYS A 8 4.54 4.88 -0.66
C CYS A 8 5.01 6.33 -0.59
N HIS A 9 6.03 6.55 0.21
CA HIS A 9 6.60 7.88 0.38
C HIS A 9 8.11 7.73 0.64
N SER A 10 8.72 8.70 1.31
CA SER A 10 10.12 8.60 1.69
C SER A 10 10.35 7.30 2.47
N GLY A 11 9.44 7.03 3.39
CA GLY A 11 9.47 5.80 4.15
C GLY A 11 8.14 5.09 4.08
N GLU A 12 7.66 4.62 5.23
CA GLU A 12 6.37 3.94 5.34
C GLU A 12 6.34 2.71 4.44
N SER A 13 5.17 2.32 4.01
CA SER A 13 5.00 1.18 3.13
C SER A 13 5.45 1.53 1.70
N THR A 14 6.76 1.54 1.49
CA THR A 14 7.31 1.92 0.20
C THR A 14 7.40 0.71 -0.74
N PHE A 15 7.91 -0.40 -0.22
CA PHE A 15 8.06 -1.61 -1.02
C PHE A 15 6.68 -2.21 -1.29
N TRP A 16 5.91 -2.28 -0.23
CA TRP A 16 4.57 -2.87 -0.29
C TRP A 16 3.67 -2.07 -1.23
N CYS A 17 4.02 -0.81 -1.43
CA CYS A 17 3.28 0.07 -2.32
C CYS A 17 3.35 -0.42 -3.76
N TYR A 18 4.52 -0.91 -4.16
CA TYR A 18 4.72 -1.38 -5.52
C TYR A 18 4.16 -2.78 -5.70
N TRP A 19 4.29 -3.58 -4.66
CA TRP A 19 3.86 -4.97 -4.69
C TRP A 19 2.35 -5.09 -4.58
N GLU A 20 1.74 -4.17 -3.84
CA GLU A 20 0.32 -4.23 -3.51
C GLU A 20 0.01 -5.59 -2.87
N ALA A 21 0.93 -6.04 -2.04
CA ALA A 21 0.87 -7.37 -1.47
C ALA A 21 -0.08 -7.43 -0.28
N LEU A 22 -0.06 -6.38 0.51
CA LEU A 22 -0.89 -6.31 1.70
C LEU A 22 -2.11 -5.46 1.44
N CYS A 23 -1.97 -4.52 0.50
CA CYS A 23 -3.08 -3.66 0.07
C CYS A 23 -4.30 -4.50 -0.32
N PRO A 24 -5.41 -4.33 0.40
CA PRO A 24 -6.64 -5.05 0.13
C PRO A 24 -7.48 -4.38 -0.96
N PRO A 25 -7.98 -5.15 -1.94
CA PRO A 25 -8.82 -4.62 -3.01
C PRO A 25 -10.17 -4.12 -2.47
N CYS A 26 -10.69 -3.09 -3.11
CA CYS A 26 -11.97 -2.53 -2.71
C CYS A 26 -13.11 -3.33 -3.31
N GLY A 1 -15.09 3.16 3.01
CA GLY A 1 -14.96 2.40 1.74
C GLY A 1 -14.01 1.23 1.89
N CYS A 2 -13.16 1.03 0.89
CA CYS A 2 -12.19 -0.05 0.92
C CYS A 2 -11.10 0.24 1.93
N PRO A 3 -10.58 -0.80 2.61
CA PRO A 3 -9.50 -0.65 3.59
C PRO A 3 -8.31 0.12 3.00
N PRO A 4 -7.71 1.02 3.81
CA PRO A 4 -6.62 1.90 3.37
C PRO A 4 -5.49 1.15 2.66
N CYS A 5 -5.12 1.65 1.49
CA CYS A 5 -4.02 1.08 0.73
C CYS A 5 -2.70 1.61 1.26
N GLU A 6 -1.64 0.87 1.03
CA GLU A 6 -0.31 1.27 1.46
C GLU A 6 0.29 2.23 0.45
N SER A 7 0.05 3.51 0.67
CA SER A 7 0.56 4.54 -0.23
C SER A 7 2.06 4.72 -0.04
N CYS A 8 2.79 4.54 -1.12
CA CYS A 8 4.25 4.61 -1.07
C CYS A 8 4.72 6.05 -0.86
N HIS A 9 5.71 6.20 0.01
CA HIS A 9 6.26 7.51 0.35
C HIS A 9 7.77 7.39 0.49
N SER A 10 8.39 8.42 1.08
CA SER A 10 9.81 8.37 1.39
C SER A 10 10.11 7.16 2.26
N GLY A 11 9.27 6.96 3.26
CA GLY A 11 9.37 5.79 4.11
C GLY A 11 8.11 4.95 4.03
N GLU A 12 7.63 4.52 5.20
CA GLU A 12 6.47 3.67 5.30
C GLU A 12 6.58 2.41 4.44
N SER A 13 5.44 1.81 4.14
CA SER A 13 5.39 0.60 3.34
C SER A 13 5.47 0.93 1.84
N THR A 14 6.59 1.50 1.43
CA THR A 14 6.77 1.94 0.05
C THR A 14 6.91 0.74 -0.89
N PHE A 15 7.57 -0.31 -0.41
CA PHE A 15 7.75 -1.52 -1.21
C PHE A 15 6.44 -2.25 -1.38
N TRP A 16 5.67 -2.30 -0.31
CA TRP A 16 4.40 -2.99 -0.32
C TRP A 16 3.39 -2.24 -1.18
N CYS A 17 3.71 -0.98 -1.47
CA CYS A 17 2.93 -0.17 -2.39
C CYS A 17 3.08 -0.68 -3.81
N TYR A 18 4.30 -1.11 -4.16
CA TYR A 18 4.59 -1.57 -5.51
C TYR A 18 3.90 -2.91 -5.77
N TRP A 19 4.13 -3.86 -4.87
CA TRP A 19 3.60 -5.21 -5.05
C TRP A 19 2.11 -5.29 -4.73
N GLU A 20 1.64 -4.29 -3.98
CA GLU A 20 0.27 -4.28 -3.47
C GLU A 20 0.00 -5.52 -2.63
N ALA A 21 1.08 -6.05 -2.03
CA ALA A 21 1.01 -7.25 -1.23
C ALA A 21 0.24 -7.00 0.06
N LEU A 22 0.47 -5.85 0.65
CA LEU A 22 -0.25 -5.46 1.84
C LEU A 22 -1.48 -4.64 1.48
N CYS A 23 -1.34 -3.81 0.46
CA CYS A 23 -2.44 -2.97 -0.03
C CYS A 23 -3.63 -3.83 -0.45
N PRO A 24 -4.77 -3.68 0.24
CA PRO A 24 -5.99 -4.38 -0.10
C PRO A 24 -6.73 -3.70 -1.26
N PRO A 25 -7.12 -4.48 -2.28
CA PRO A 25 -7.82 -3.94 -3.45
C PRO A 25 -9.24 -3.49 -3.13
N CYS A 26 -9.66 -2.40 -3.74
CA CYS A 26 -11.01 -1.88 -3.55
C CYS A 26 -11.98 -2.58 -4.49
N GLY A 1 -15.76 2.29 1.71
CA GLY A 1 -15.53 1.67 0.39
C GLY A 1 -14.50 0.57 0.45
N CYS A 2 -13.38 0.77 -0.23
CA CYS A 2 -12.29 -0.19 -0.23
C CYS A 2 -11.34 0.10 0.92
N PRO A 3 -10.81 -0.95 1.56
CA PRO A 3 -9.84 -0.81 2.66
C PRO A 3 -8.63 0.04 2.25
N PRO A 4 -8.29 1.05 3.07
CA PRO A 4 -7.18 1.96 2.78
C PRO A 4 -5.88 1.24 2.47
N CYS A 5 -5.23 1.66 1.40
CA CYS A 5 -3.95 1.09 1.00
C CYS A 5 -2.86 1.50 1.98
N GLU A 6 -1.80 0.69 2.05
CA GLU A 6 -0.62 1.05 2.82
C GLU A 6 0.12 2.17 2.12
N SER A 7 -0.29 3.39 2.42
CA SER A 7 0.19 4.58 1.74
C SER A 7 1.72 4.63 1.71
N CYS A 8 2.26 4.56 0.50
CA CYS A 8 3.70 4.57 0.31
C CYS A 8 4.24 5.99 0.26
N HIS A 9 5.53 6.14 0.50
CA HIS A 9 6.18 7.45 0.49
C HIS A 9 7.17 7.52 -0.65
N SER A 10 7.91 8.62 -0.74
CA SER A 10 8.97 8.73 -1.73
C SER A 10 10.20 7.94 -1.27
N GLY A 11 10.22 7.64 0.02
CA GLY A 11 11.26 6.80 0.59
C GLY A 11 10.67 5.70 1.42
N GLU A 12 11.36 5.33 2.50
CA GLU A 12 10.92 4.28 3.41
C GLU A 12 10.82 2.93 2.69
N SER A 13 10.47 1.91 3.45
CA SER A 13 10.31 0.57 2.91
C SER A 13 8.83 0.29 2.67
N THR A 14 8.22 1.06 1.78
CA THR A 14 6.81 0.92 1.50
C THR A 14 6.57 0.15 0.22
N PHE A 15 7.35 -0.89 0.06
CA PHE A 15 7.30 -1.75 -1.10
C PHE A 15 5.95 -2.43 -1.20
N TRP A 16 5.32 -2.63 -0.05
CA TRP A 16 4.04 -3.31 0.03
C TRP A 16 2.96 -2.53 -0.73
N CYS A 17 3.11 -1.21 -0.73
CA CYS A 17 2.22 -0.33 -1.48
C CYS A 17 2.33 -0.60 -2.97
N TYR A 18 3.56 -0.68 -3.43
CA TYR A 18 3.85 -0.84 -4.85
C TYR A 18 3.55 -2.25 -5.33
N TRP A 19 3.86 -3.24 -4.50
CA TRP A 19 3.59 -4.63 -4.85
C TRP A 19 2.12 -4.96 -4.76
N GLU A 20 1.40 -4.16 -3.96
CA GLU A 20 0.00 -4.43 -3.64
C GLU A 20 -0.12 -5.78 -2.94
N ALA A 21 0.95 -6.17 -2.25
CA ALA A 21 1.00 -7.43 -1.52
C ALA A 21 0.21 -7.31 -0.23
N LEU A 22 0.46 -6.25 0.51
CA LEU A 22 -0.26 -5.99 1.74
C LEU A 22 -1.33 -4.93 1.51
N CYS A 23 -1.03 -3.99 0.61
CA CYS A 23 -1.98 -2.96 0.23
C CYS A 23 -3.24 -3.57 -0.39
N PRO A 24 -4.40 -3.40 0.27
CA PRO A 24 -5.68 -3.87 -0.25
C PRO A 24 -6.09 -3.13 -1.52
N PRO A 25 -6.60 -3.87 -2.52
CA PRO A 25 -7.07 -3.29 -3.78
C PRO A 25 -8.50 -2.76 -3.68
N CYS A 26 -8.82 -1.79 -4.53
CA CYS A 26 -10.15 -1.22 -4.57
C CYS A 26 -10.93 -1.79 -5.74
N GLY A 1 -15.60 -0.07 4.59
CA GLY A 1 -14.97 0.45 3.36
C GLY A 1 -13.80 -0.40 2.93
N CYS A 2 -13.49 -0.37 1.64
CA CYS A 2 -12.34 -1.09 1.10
C CYS A 2 -11.06 -0.53 1.67
N PRO A 3 -10.15 -1.38 2.16
CA PRO A 3 -8.88 -0.93 2.74
C PRO A 3 -8.03 -0.17 1.74
N PRO A 4 -7.59 1.04 2.09
CA PRO A 4 -6.72 1.85 1.24
C PRO A 4 -5.28 1.34 1.25
N CYS A 5 -4.62 1.42 0.11
CA CYS A 5 -3.24 0.98 0.02
C CYS A 5 -2.29 2.02 0.59
N GLU A 6 -1.19 1.54 1.13
CA GLU A 6 -0.20 2.37 1.78
C GLU A 6 0.57 3.19 0.77
N SER A 7 0.39 4.48 0.86
CA SER A 7 1.12 5.43 0.02
C SER A 7 2.62 5.34 0.30
N CYS A 8 3.41 5.18 -0.76
CA CYS A 8 4.85 5.02 -0.63
C CYS A 8 5.56 6.36 -0.68
N HIS A 9 6.60 6.49 0.12
CA HIS A 9 7.39 7.71 0.19
C HIS A 9 8.87 7.35 0.25
N SER A 10 9.69 8.25 0.75
CA SER A 10 11.10 7.97 0.96
C SER A 10 11.28 6.97 2.10
N GLY A 11 10.30 6.94 2.99
CA GLY A 11 10.28 5.96 4.04
C GLY A 11 8.99 5.17 4.01
N GLU A 12 8.55 4.73 5.20
CA GLU A 12 7.34 3.96 5.35
C GLU A 12 7.30 2.73 4.44
N SER A 13 6.10 2.22 4.22
CA SER A 13 5.90 1.04 3.38
C SER A 13 6.05 1.39 1.90
N THR A 14 7.30 1.53 1.45
CA THR A 14 7.57 1.89 0.07
C THR A 14 7.39 0.69 -0.86
N PHE A 15 7.88 -0.46 -0.44
CA PHE A 15 7.83 -1.67 -1.25
C PHE A 15 6.42 -2.22 -1.31
N TRP A 16 5.79 -2.30 -0.15
CA TRP A 16 4.45 -2.84 -0.02
C TRP A 16 3.45 -2.00 -0.80
N CYS A 17 3.78 -0.73 -0.95
CA CYS A 17 2.97 0.20 -1.74
C CYS A 17 2.89 -0.25 -3.19
N TYR A 18 4.04 -0.64 -3.74
CA TYR A 18 4.13 -1.01 -5.15
C TYR A 18 3.38 -2.29 -5.44
N TRP A 19 3.61 -3.31 -4.63
CA TRP A 19 3.05 -4.63 -4.89
C TRP A 19 1.57 -4.69 -4.57
N GLU A 20 1.13 -3.79 -3.68
CA GLU A 20 -0.24 -3.78 -3.20
C GLU A 20 -0.60 -5.13 -2.59
N ALA A 21 0.42 -5.80 -2.07
CA ALA A 21 0.28 -7.15 -1.54
C ALA A 21 -0.46 -7.16 -0.22
N LEU A 22 -0.17 -6.18 0.61
CA LEU A 22 -0.75 -6.11 1.95
C LEU A 22 -2.16 -5.56 1.91
N CYS A 23 -2.41 -4.57 1.07
CA CYS A 23 -3.72 -3.92 1.01
C CYS A 23 -4.69 -4.71 0.15
N PRO A 24 -5.78 -5.22 0.77
CA PRO A 24 -6.85 -5.91 0.03
C PRO A 24 -7.52 -5.00 -0.99
N PRO A 25 -7.83 -5.55 -2.17
CA PRO A 25 -8.42 -4.77 -3.27
C PRO A 25 -9.88 -4.41 -3.04
N CYS A 26 -10.37 -3.44 -3.80
CA CYS A 26 -11.77 -3.04 -3.70
C CYS A 26 -12.51 -3.50 -4.94
N GLY A 1 -16.51 0.13 2.62
CA GLY A 1 -15.83 0.66 1.41
C GLY A 1 -14.48 0.02 1.20
N CYS A 2 -13.65 0.65 0.39
CA CYS A 2 -12.34 0.12 0.07
C CYS A 2 -11.32 0.59 1.11
N PRO A 3 -10.46 -0.33 1.57
CA PRO A 3 -9.41 0.00 2.52
C PRO A 3 -8.22 0.67 1.85
N PRO A 4 -7.76 1.81 2.37
CA PRO A 4 -6.62 2.53 1.81
C PRO A 4 -5.37 1.65 1.74
N CYS A 5 -4.77 1.57 0.57
CA CYS A 5 -3.55 0.83 0.39
C CYS A 5 -2.37 1.64 0.90
N GLU A 6 -1.26 0.96 1.18
CA GLU A 6 -0.11 1.57 1.82
C GLU A 6 0.51 2.62 0.90
N SER A 7 0.21 3.87 1.19
CA SER A 7 0.80 5.00 0.49
C SER A 7 2.29 5.05 0.77
N CYS A 8 3.08 5.24 -0.27
CA CYS A 8 4.53 5.14 -0.15
C CYS A 8 5.22 6.50 -0.03
N HIS A 9 6.42 6.46 0.55
CA HIS A 9 7.29 7.62 0.62
C HIS A 9 8.73 7.15 0.37
N SER A 10 9.71 7.97 0.73
CA SER A 10 11.11 7.57 0.60
C SER A 10 11.40 6.34 1.45
N GLY A 11 10.73 6.26 2.61
CA GLY A 11 10.87 5.12 3.49
C GLY A 11 9.56 4.39 3.69
N GLU A 12 9.30 3.99 4.94
CA GLU A 12 8.10 3.26 5.32
C GLU A 12 7.75 2.13 4.34
N SER A 13 6.48 1.77 4.27
CA SER A 13 6.02 0.74 3.36
C SER A 13 6.00 1.26 1.92
N THR A 14 7.19 1.46 1.37
CA THR A 14 7.35 1.97 0.02
C THR A 14 7.21 0.84 -1.00
N PHE A 15 7.77 -0.32 -0.67
CA PHE A 15 7.71 -1.48 -1.55
C PHE A 15 6.29 -2.04 -1.60
N TRP A 16 5.64 -2.03 -0.45
CA TRP A 16 4.29 -2.55 -0.33
C TRP A 16 3.30 -1.66 -1.07
N CYS A 17 3.78 -0.49 -1.46
CA CYS A 17 2.98 0.47 -2.21
C CYS A 17 2.96 0.10 -3.70
N TYR A 18 4.01 -0.58 -4.14
CA TYR A 18 4.11 -0.99 -5.54
C TYR A 18 3.44 -2.35 -5.75
N TRP A 19 3.67 -3.26 -4.80
CA TRP A 19 3.07 -4.59 -4.89
C TRP A 19 1.60 -4.56 -4.50
N GLU A 20 1.27 -3.65 -3.58
CA GLU A 20 -0.04 -3.60 -2.95
C GLU A 20 -0.36 -4.93 -2.28
N ALA A 21 0.69 -5.69 -1.96
CA ALA A 21 0.56 -7.05 -1.46
C ALA A 21 -0.04 -7.10 -0.07
N LEU A 22 0.16 -6.05 0.71
CA LEU A 22 -0.41 -5.97 2.05
C LEU A 22 -1.85 -5.50 1.99
N CYS A 23 -2.14 -4.65 1.01
CA CYS A 23 -3.47 -4.10 0.84
C CYS A 23 -4.40 -5.16 0.26
N PRO A 24 -5.53 -5.41 0.93
CA PRO A 24 -6.52 -6.37 0.45
C PRO A 24 -7.35 -5.79 -0.69
N PRO A 25 -7.52 -6.55 -1.79
CA PRO A 25 -8.26 -6.09 -2.96
C PRO A 25 -9.72 -5.79 -2.64
N CYS A 26 -10.10 -4.55 -2.85
CA CYS A 26 -11.47 -4.11 -2.60
C CYS A 26 -12.42 -4.80 -3.57
N GLY A 1 -16.09 1.89 -0.69
CA GLY A 1 -15.57 1.74 0.69
C GLY A 1 -14.36 0.84 0.76
N CYS A 2 -13.27 1.27 0.14
CA CYS A 2 -12.06 0.48 0.10
C CYS A 2 -11.14 0.80 1.27
N PRO A 3 -10.58 -0.23 1.92
CA PRO A 3 -9.60 -0.05 2.99
C PRO A 3 -8.34 0.67 2.48
N PRO A 4 -7.85 1.66 3.24
CA PRO A 4 -6.66 2.43 2.87
C PRO A 4 -5.48 1.54 2.51
N CYS A 5 -4.89 1.78 1.34
CA CYS A 5 -3.80 0.96 0.85
C CYS A 5 -2.47 1.46 1.42
N GLU A 6 -1.47 0.59 1.37
CA GLU A 6 -0.13 0.93 1.81
C GLU A 6 0.45 1.99 0.90
N SER A 7 0.39 3.24 1.34
CA SER A 7 0.86 4.36 0.54
C SER A 7 2.38 4.42 0.51
N CYS A 8 2.93 4.76 -0.64
CA CYS A 8 4.37 4.82 -0.81
C CYS A 8 4.89 6.24 -0.65
N HIS A 9 5.94 6.36 0.15
CA HIS A 9 6.56 7.65 0.42
C HIS A 9 8.07 7.47 0.38
N SER A 10 8.83 8.41 0.93
CA SER A 10 10.27 8.27 1.01
C SER A 10 10.63 7.03 1.83
N GLY A 11 9.82 6.78 2.85
CA GLY A 11 9.95 5.57 3.64
C GLY A 11 8.62 4.86 3.77
N GLU A 12 8.33 4.37 4.97
CA GLU A 12 7.10 3.66 5.26
C GLU A 12 6.89 2.48 4.32
N SER A 13 5.63 2.09 4.16
CA SER A 13 5.27 0.97 3.30
C SER A 13 5.37 1.35 1.82
N THR A 14 6.57 1.66 1.37
CA THR A 14 6.78 2.11 0.01
C THR A 14 6.82 0.93 -0.96
N PHE A 15 7.47 -0.15 -0.53
CA PHE A 15 7.59 -1.34 -1.35
C PHE A 15 6.24 -2.03 -1.50
N TRP A 16 5.50 -2.08 -0.40
CA TRP A 16 4.20 -2.73 -0.38
C TRP A 16 3.19 -1.93 -1.18
N CYS A 17 3.55 -0.69 -1.50
CA CYS A 17 2.71 0.18 -2.31
C CYS A 17 2.75 -0.27 -3.77
N TYR A 18 3.90 -0.79 -4.20
CA TYR A 18 4.10 -1.17 -5.58
C TYR A 18 3.50 -2.55 -5.84
N TRP A 19 3.83 -3.50 -4.98
CA TRP A 19 3.35 -4.87 -5.14
C TRP A 19 1.90 -5.00 -4.73
N GLU A 20 1.50 -4.14 -3.79
CA GLU A 20 0.17 -4.20 -3.18
C GLU A 20 -0.07 -5.57 -2.56
N ALA A 21 1.03 -6.22 -2.16
CA ALA A 21 0.99 -7.57 -1.60
C ALA A 21 0.22 -7.59 -0.29
N LEU A 22 0.60 -6.68 0.61
CA LEU A 22 -0.05 -6.59 1.91
C LEU A 22 -1.25 -5.66 1.83
N CYS A 23 -1.23 -4.81 0.82
CA CYS A 23 -2.31 -3.86 0.57
C CYS A 23 -3.64 -4.58 0.35
N PRO A 24 -4.69 -4.16 1.05
CA PRO A 24 -6.04 -4.70 0.87
C PRO A 24 -6.66 -4.24 -0.46
N PRO A 25 -7.30 -5.16 -1.18
CA PRO A 25 -7.89 -4.86 -2.50
C PRO A 25 -9.03 -3.86 -2.41
N CYS A 26 -9.19 -3.09 -3.47
CA CYS A 26 -10.27 -2.11 -3.55
C CYS A 26 -11.41 -2.66 -4.41
N GLY A 1 -16.87 1.50 2.18
CA GLY A 1 -15.86 2.05 1.25
C GLY A 1 -14.69 1.11 1.09
N CYS A 2 -13.83 1.40 0.13
CA CYS A 2 -12.64 0.59 -0.10
C CYS A 2 -11.61 0.85 1.00
N PRO A 3 -10.89 -0.19 1.45
CA PRO A 3 -9.88 -0.06 2.49
C PRO A 3 -8.68 0.75 2.01
N PRO A 4 -8.18 1.68 2.85
CA PRO A 4 -7.00 2.48 2.52
C PRO A 4 -5.83 1.60 2.10
N CYS A 5 -5.24 1.91 0.96
CA CYS A 5 -4.19 1.07 0.41
C CYS A 5 -2.82 1.55 0.88
N GLU A 6 -1.80 0.75 0.60
CA GLU A 6 -0.44 1.02 1.03
C GLU A 6 0.11 2.23 0.31
N SER A 7 0.04 3.36 0.97
CA SER A 7 0.50 4.62 0.42
C SER A 7 1.96 4.85 0.82
N CYS A 8 2.87 4.51 -0.06
CA CYS A 8 4.30 4.65 0.21
C CYS A 8 4.75 6.11 0.13
N HIS A 9 5.73 6.44 0.94
CA HIS A 9 6.24 7.82 1.02
C HIS A 9 7.74 7.82 0.74
N SER A 10 8.39 8.96 0.99
CA SER A 10 9.83 9.03 0.88
C SER A 10 10.46 8.04 1.87
N GLY A 11 9.96 8.07 3.10
CA GLY A 11 10.31 7.07 4.08
C GLY A 11 9.25 5.99 4.15
N GLU A 12 9.07 5.42 5.33
CA GLU A 12 8.12 4.34 5.54
C GLU A 12 8.32 3.21 4.54
N SER A 13 7.27 2.45 4.29
CA SER A 13 7.32 1.33 3.36
C SER A 13 7.33 1.83 1.92
N THR A 14 7.74 0.96 1.00
CA THR A 14 7.79 1.33 -0.41
C THR A 14 7.61 0.11 -1.31
N PHE A 15 8.28 -0.98 -0.95
CA PHE A 15 8.24 -2.19 -1.77
C PHE A 15 6.85 -2.78 -1.78
N TRP A 16 6.28 -2.92 -0.60
CA TRP A 16 4.96 -3.48 -0.46
C TRP A 16 3.95 -2.61 -1.20
N CYS A 17 4.24 -1.32 -1.26
CA CYS A 17 3.39 -0.35 -1.95
C CYS A 17 3.42 -0.55 -3.46
N TYR A 18 4.56 -0.94 -4.00
CA TYR A 18 4.68 -1.18 -5.44
C TYR A 18 3.85 -2.39 -5.84
N TRP A 19 3.90 -3.42 -5.01
CA TRP A 19 3.22 -4.68 -5.33
C TRP A 19 1.76 -4.63 -4.91
N GLU A 20 1.46 -3.79 -3.91
CA GLU A 20 0.14 -3.75 -3.29
C GLU A 20 -0.23 -5.13 -2.76
N ALA A 21 0.77 -5.80 -2.19
CA ALA A 21 0.63 -7.18 -1.75
C ALA A 21 -0.11 -7.28 -0.43
N LEU A 22 0.23 -6.39 0.48
CA LEU A 22 -0.36 -6.39 1.81
C LEU A 22 -1.65 -5.58 1.80
N CYS A 23 -1.70 -4.61 0.90
CA CYS A 23 -2.88 -3.78 0.68
C CYS A 23 -4.15 -4.63 0.59
N PRO A 24 -5.16 -4.33 1.43
CA PRO A 24 -6.45 -5.00 1.33
C PRO A 24 -7.25 -4.51 0.13
N PRO A 25 -7.76 -5.44 -0.68
CA PRO A 25 -8.53 -5.11 -1.88
C PRO A 25 -9.95 -4.66 -1.55
N CYS A 26 -10.55 -3.91 -2.46
CA CYS A 26 -11.90 -3.41 -2.28
C CYS A 26 -12.90 -4.47 -2.72
N GLY A 1 -15.86 2.52 4.58
CA GLY A 1 -15.48 2.27 3.18
C GLY A 1 -14.36 1.24 3.07
N CYS A 2 -13.58 1.34 2.01
CA CYS A 2 -12.49 0.41 1.78
C CYS A 2 -11.29 0.77 2.65
N PRO A 3 -10.57 -0.24 3.16
CA PRO A 3 -9.33 -0.02 3.93
C PRO A 3 -8.27 0.68 3.09
N PRO A 4 -7.64 1.74 3.62
CA PRO A 4 -6.61 2.50 2.91
C PRO A 4 -5.46 1.61 2.45
N CYS A 5 -5.10 1.74 1.19
CA CYS A 5 -4.02 0.96 0.61
C CYS A 5 -2.67 1.49 1.09
N GLU A 6 -1.66 0.62 1.07
CA GLU A 6 -0.31 0.98 1.47
C GLU A 6 0.30 1.94 0.46
N SER A 7 0.27 3.20 0.79
CA SER A 7 0.79 4.24 -0.08
C SER A 7 2.30 4.38 0.10
N CYS A 8 2.96 5.00 -0.87
CA CYS A 8 4.39 5.19 -0.81
C CYS A 8 4.77 6.61 -1.21
N HIS A 9 5.86 7.10 -0.63
CA HIS A 9 6.38 8.42 -0.93
C HIS A 9 7.89 8.43 -0.79
N SER A 10 8.33 8.00 0.36
CA SER A 10 9.76 7.89 0.65
C SER A 10 10.01 6.79 1.68
N GLY A 11 9.23 6.81 2.76
CA GLY A 11 9.34 5.79 3.77
C GLY A 11 8.06 5.00 3.93
N GLU A 12 7.66 4.76 5.18
CA GLU A 12 6.45 4.01 5.49
C GLU A 12 6.39 2.70 4.72
N SER A 13 5.19 2.29 4.37
CA SER A 13 4.98 1.10 3.56
C SER A 13 5.36 1.36 2.09
N THR A 14 6.63 1.66 1.87
CA THR A 14 7.11 1.99 0.55
C THR A 14 7.19 0.76 -0.36
N PHE A 15 7.72 -0.32 0.18
CA PHE A 15 7.89 -1.55 -0.59
C PHE A 15 6.56 -2.27 -0.76
N TRP A 16 5.72 -2.19 0.26
CA TRP A 16 4.40 -2.79 0.20
C TRP A 16 3.55 -2.07 -0.84
N CYS A 17 3.90 -0.82 -1.11
CA CYS A 17 3.25 -0.02 -2.12
C CYS A 17 3.64 -0.49 -3.51
N TYR A 18 4.84 -1.05 -3.63
CA TYR A 18 5.34 -1.51 -4.92
C TYR A 18 4.68 -2.82 -5.33
N TRP A 19 4.74 -3.81 -4.44
CA TRP A 19 4.15 -5.11 -4.74
C TRP A 19 2.63 -5.05 -4.65
N GLU A 20 2.14 -4.20 -3.76
CA GLU A 20 0.73 -4.14 -3.42
C GLU A 20 0.22 -5.51 -3.01
N ALA A 21 1.13 -6.33 -2.49
CA ALA A 21 0.83 -7.71 -2.12
C ALA A 21 0.04 -7.77 -0.81
N LEU A 22 -0.11 -6.62 -0.18
CA LEU A 22 -0.91 -6.53 1.05
C LEU A 22 -2.12 -5.65 0.81
N CYS A 23 -2.06 -4.89 -0.27
CA CYS A 23 -3.12 -3.94 -0.61
C CYS A 23 -4.43 -4.66 -0.95
N PRO A 24 -5.47 -4.45 -0.14
CA PRO A 24 -6.79 -5.06 -0.35
C PRO A 24 -7.58 -4.33 -1.44
N PRO A 25 -8.36 -5.07 -2.23
CA PRO A 25 -9.16 -4.49 -3.31
C PRO A 25 -10.34 -3.67 -2.79
N CYS A 26 -10.78 -2.71 -3.58
CA CYS A 26 -11.89 -1.87 -3.21
C CYS A 26 -13.02 -2.02 -4.22
N GLY A 1 -15.41 2.63 0.90
CA GLY A 1 -15.64 1.16 0.86
C GLY A 1 -14.35 0.37 0.91
N CYS A 2 -13.48 0.62 -0.06
CA CYS A 2 -12.19 -0.07 -0.14
C CYS A 2 -11.26 0.42 0.97
N PRO A 3 -10.54 -0.52 1.62
CA PRO A 3 -9.59 -0.17 2.68
C PRO A 3 -8.45 0.69 2.15
N PRO A 4 -8.11 1.79 2.88
CA PRO A 4 -6.99 2.66 2.52
C PRO A 4 -5.69 1.88 2.39
N CYS A 5 -4.98 2.11 1.29
CA CYS A 5 -3.77 1.35 1.00
C CYS A 5 -2.61 1.79 1.90
N GLU A 6 -1.52 1.04 1.84
CA GLU A 6 -0.33 1.33 2.61
C GLU A 6 0.34 2.57 2.05
N SER A 7 0.42 3.59 2.86
CA SER A 7 1.07 4.85 2.48
C SER A 7 2.47 4.60 1.97
N CYS A 8 2.74 5.05 0.76
CA CYS A 8 4.03 4.82 0.13
C CYS A 8 4.67 6.13 -0.30
N HIS A 9 5.99 6.18 -0.18
CA HIS A 9 6.76 7.35 -0.53
C HIS A 9 8.18 6.92 -0.79
N SER A 10 9.15 7.81 -0.59
CA SER A 10 10.55 7.44 -0.64
C SER A 10 10.83 6.43 0.47
N GLY A 11 10.09 6.57 1.57
CA GLY A 11 10.15 5.61 2.65
C GLY A 11 8.79 4.97 2.88
N GLU A 12 8.40 4.85 4.16
CA GLU A 12 7.16 4.20 4.55
C GLU A 12 7.04 2.80 3.95
N SER A 13 5.82 2.31 3.88
CA SER A 13 5.55 1.03 3.23
C SER A 13 5.50 1.21 1.72
N THR A 14 6.63 1.62 1.15
CA THR A 14 6.70 1.94 -0.26
C THR A 14 6.58 0.69 -1.12
N PHE A 15 7.31 -0.35 -0.74
CA PHE A 15 7.34 -1.58 -1.52
C PHE A 15 6.00 -2.26 -1.46
N TRP A 16 5.45 -2.37 -0.26
CA TRP A 16 4.18 -3.04 -0.05
C TRP A 16 3.05 -2.33 -0.77
N CYS A 17 3.22 -1.02 -0.94
CA CYS A 17 2.24 -0.21 -1.63
C CYS A 17 2.23 -0.51 -3.12
N TYR A 18 3.41 -0.46 -3.75
CA TYR A 18 3.51 -0.66 -5.18
C TYR A 18 3.34 -2.13 -5.56
N TRP A 19 3.83 -3.03 -4.72
CA TRP A 19 3.63 -4.46 -4.96
C TRP A 19 2.18 -4.84 -4.71
N GLU A 20 1.51 -4.05 -3.85
CA GLU A 20 0.16 -4.32 -3.40
C GLU A 20 0.09 -5.68 -2.72
N ALA A 21 1.23 -6.13 -2.21
CA ALA A 21 1.34 -7.43 -1.57
C ALA A 21 0.56 -7.48 -0.28
N LEU A 22 0.81 -6.49 0.58
CA LEU A 22 0.11 -6.40 1.85
C LEU A 22 -1.11 -5.52 1.71
N CYS A 23 -1.01 -4.56 0.80
CA CYS A 23 -2.12 -3.66 0.51
C CYS A 23 -3.31 -4.41 -0.08
N PRO A 24 -4.49 -4.28 0.54
CA PRO A 24 -5.71 -4.89 0.05
C PRO A 24 -6.26 -4.17 -1.18
N PRO A 25 -6.70 -4.93 -2.19
CA PRO A 25 -7.23 -4.37 -3.43
C PRO A 25 -8.59 -3.70 -3.24
N CYS A 26 -8.92 -2.77 -4.11
CA CYS A 26 -10.19 -2.08 -4.06
C CYS A 26 -11.24 -2.86 -4.85
#